data_5Q1D
#
_entry.id   5Q1D
#
_cell.length_a   72.440
_cell.length_b   84.530
_cell.length_c   190.540
_cell.angle_alpha   90.000
_cell.angle_beta   90.000
_cell.angle_gamma   90.000
#
_symmetry.space_group_name_H-M   'C 2 2 21'
#
loop_
_entity.id
_entity.type
_entity.pdbx_description
1 polymer 'Bile acid receptor'
2 polymer 'COACTIVATOR PEPTIDE SRC-1 HD3'
3 non-polymer (2S)-2-[2-(4-chlorophenyl)-5,6-difluoro-1H-benzimidazol-1-yl]-2-cyclohexyl-N-phenylacetamide
4 water water
#
loop_
_entity_poly.entity_id
_entity_poly.type
_entity_poly.pdbx_seq_one_letter_code
_entity_poly.pdbx_strand_id
1 'polypeptide(L)'
;GSHMELTPDQQTLLHFIMDSYNKQRMPQEITNKILKEAFSAEENFLILTEMATNHVQVLVEFTKKLPGFQTLDHEDQIAL
LKGSAVEAMFLRSAEIFNKKLPSGHSDLLEARIRNSGISDEYITPMFSFYKSIGELKMTQEEYALLTAIVILSPDRQYIK
DREAVEKLQEPLLDVLQKLCKIHQPENPQHFACLLGRLTELRTFNHHHAEMLMSWRVNDHKFTPLLCEIWDVQ
;
A,C
2 'polypeptide(L)' KDHQLLRYLLDKDE B,D
#
# COMPACT_ATOMS: atom_id res chain seq x y z
N MET A 4 40.42 29.91 0.59
CA MET A 4 39.88 28.87 -0.27
C MET A 4 39.70 27.54 0.51
N GLU A 5 40.83 26.86 0.83
CA GLU A 5 40.93 25.61 1.57
C GLU A 5 40.69 25.85 3.07
N LEU A 6 40.37 24.77 3.82
CA LEU A 6 40.15 24.86 5.27
C LEU A 6 41.45 25.16 6.00
N THR A 7 41.37 25.94 7.09
CA THR A 7 42.52 26.28 7.92
C THR A 7 42.74 25.13 8.93
N PRO A 8 43.90 25.04 9.64
CA PRO A 8 44.05 23.97 10.65
C PRO A 8 42.94 23.96 11.71
N ASP A 9 42.49 25.16 12.17
CA ASP A 9 41.42 25.30 13.16
C ASP A 9 40.07 24.80 12.62
N GLN A 10 39.79 25.05 11.35
CA GLN A 10 38.56 24.63 10.70
C GLN A 10 38.52 23.11 10.52
N GLN A 11 39.68 22.51 10.22
CA GLN A 11 39.87 21.07 10.06
C GLN A 11 39.59 20.36 11.39
N THR A 12 40.08 20.96 12.51
CA THR A 12 39.90 20.50 13.88
C THR A 12 38.42 20.54 14.24
N LEU A 13 37.77 21.68 13.95
CA LEU A 13 36.35 21.88 14.21
C LEU A 13 35.51 20.85 13.44
N LEU A 14 35.80 20.65 12.15
CA LEU A 14 35.10 19.68 11.30
C LEU A 14 35.19 18.26 11.85
N HIS A 15 36.42 17.79 12.18
CA HIS A 15 36.61 16.45 12.72
C HIS A 15 35.89 16.24 14.05
N PHE A 16 35.88 17.28 14.89
CA PHE A 16 35.21 17.26 16.19
C PHE A 16 33.70 17.10 16.02
N ILE A 17 33.12 17.90 15.10
CA ILE A 17 31.70 17.85 14.79
C ILE A 17 31.33 16.46 14.24
N MET A 18 32.17 15.93 13.34
CA MET A 18 31.96 14.61 12.75
C MET A 18 31.92 13.49 13.77
N ASP A 19 32.86 13.49 14.73
CA ASP A 19 32.92 12.47 15.78
C ASP A 19 31.69 12.46 16.66
N SER A 20 31.21 13.67 17.04
CA SER A 20 30.01 13.84 17.87
C SER A 20 28.78 13.43 17.08
N TYR A 21 28.75 13.76 15.78
CA TYR A 21 27.63 13.42 14.91
C TYR A 21 27.47 11.91 14.68
N ASN A 22 28.60 11.19 14.57
CA ASN A 22 28.67 9.75 14.32
C ASN A 22 28.18 8.87 15.49
N LYS A 23 27.87 9.47 16.65
CA LYS A 23 27.35 8.75 17.82
C LYS A 23 25.84 8.45 17.70
N GLN A 24 25.25 8.79 16.55
CA GLN A 24 23.85 8.56 16.26
C GLN A 24 23.64 7.09 15.84
N ARG A 25 22.40 6.60 16.01
CA ARG A 25 21.96 5.26 15.62
C ARG A 25 22.19 5.15 14.09
N MET A 26 22.85 4.07 13.67
CA MET A 26 23.22 3.83 12.27
C MET A 26 22.04 3.78 11.30
N PRO A 27 22.17 4.40 10.09
CA PRO A 27 21.05 4.36 9.11
C PRO A 27 20.61 2.95 8.76
N GLN A 28 21.58 2.01 8.64
CA GLN A 28 21.37 0.59 8.34
C GLN A 28 20.41 -0.08 9.32
N GLU A 29 20.51 0.25 10.63
CA GLU A 29 19.68 -0.32 11.71
C GLU A 29 18.19 -0.08 11.43
N ILE A 30 17.87 1.18 11.11
CA ILE A 30 16.54 1.71 10.85
C ILE A 30 15.93 1.11 9.57
N THR A 31 16.66 1.19 8.45
CA THR A 31 16.20 0.71 7.14
C THR A 31 16.06 -0.80 7.10
N ASN A 32 16.95 -1.55 7.80
CA ASN A 32 16.87 -3.01 7.87
C ASN A 32 15.55 -3.42 8.53
N LYS A 33 15.15 -2.71 9.62
CA LYS A 33 13.91 -2.99 10.35
C LYS A 33 12.66 -2.76 9.50
N ILE A 34 12.60 -1.60 8.80
CA ILE A 34 11.48 -1.21 7.94
C ILE A 34 11.38 -2.17 6.74
N LEU A 35 12.52 -2.51 6.12
CA LEU A 35 12.56 -3.40 4.95
C LEU A 35 12.30 -4.86 5.26
N LYS A 36 12.67 -5.33 6.47
CA LYS A 36 12.52 -6.74 6.90
C LYS A 36 11.09 -7.25 6.82
N GLU A 37 10.15 -6.52 7.40
CA GLU A 37 8.74 -6.91 7.42
C GLU A 37 7.86 -5.70 7.51
N ALA A 38 6.61 -5.83 7.05
CA ALA A 38 5.63 -4.74 7.11
C ALA A 38 4.97 -4.77 8.49
N PHE A 39 4.83 -3.60 9.11
CA PHE A 39 4.21 -3.52 10.43
C PHE A 39 2.84 -2.85 10.33
N SER A 40 2.02 -2.97 11.38
CA SER A 40 0.71 -2.32 11.43
C SER A 40 0.98 -0.83 11.75
N ALA A 41 -0.03 0.05 11.57
CA ALA A 41 0.10 1.48 11.87
C ALA A 41 0.39 1.67 13.37
N GLU A 42 -0.15 0.76 14.22
CA GLU A 42 0.06 0.76 15.68
C GLU A 42 1.53 0.47 16.00
N GLU A 43 2.12 -0.55 15.34
CA GLU A 43 3.53 -0.94 15.55
C GLU A 43 4.46 0.16 15.03
N ASN A 44 4.14 0.76 13.86
CA ASN A 44 4.93 1.84 13.29
C ASN A 44 4.89 3.13 14.11
N PHE A 45 3.74 3.41 14.78
CA PHE A 45 3.66 4.60 15.64
C PHE A 45 4.64 4.45 16.81
N LEU A 46 4.69 3.26 17.42
CA LEU A 46 5.56 2.92 18.53
C LEU A 46 7.03 2.89 18.11
N ILE A 47 7.34 2.42 16.86
CA ILE A 47 8.71 2.42 16.34
C ILE A 47 9.13 3.90 16.22
N LEU A 48 8.23 4.75 15.71
CA LEU A 48 8.51 6.20 15.57
C LEU A 48 8.81 6.88 16.89
N THR A 49 7.98 6.67 17.92
CA THR A 49 8.19 7.34 19.22
C THR A 49 9.49 6.88 19.90
N GLU A 50 9.84 5.59 19.76
CA GLU A 50 11.09 5.08 20.33
C GLU A 50 12.30 5.68 19.56
N MET A 51 12.20 5.79 18.24
CA MET A 51 13.26 6.37 17.41
C MET A 51 13.45 7.85 17.73
N ALA A 52 12.35 8.57 17.93
CA ALA A 52 12.38 10.01 18.18
C ALA A 52 12.88 10.31 19.58
N THR A 53 12.58 9.43 20.55
CA THR A 53 13.09 9.60 21.92
C THR A 53 14.60 9.40 21.94
N ASN A 54 15.09 8.35 21.28
CA ASN A 54 16.54 8.10 21.20
C ASN A 54 17.23 9.27 20.46
N HIS A 55 16.61 9.75 19.37
CA HIS A 55 17.16 10.85 18.59
C HIS A 55 17.31 12.14 19.41
N VAL A 56 16.32 12.50 20.22
CA VAL A 56 16.39 13.72 21.06
C VAL A 56 17.49 13.56 22.10
N GLN A 57 17.59 12.39 22.71
CA GLN A 57 18.63 12.13 23.70
C GLN A 57 20.04 12.32 23.12
N VAL A 58 20.30 11.79 21.92
CA VAL A 58 21.59 11.88 21.25
C VAL A 58 21.84 13.33 20.77
N LEU A 59 20.77 14.01 20.31
CA LEU A 59 20.81 15.40 19.85
C LEU A 59 21.19 16.33 20.99
N VAL A 60 20.71 16.10 22.23
CA VAL A 60 21.12 16.93 23.39
C VAL A 60 22.63 16.72 23.61
N GLU A 61 23.11 15.45 23.54
CA GLU A 61 24.53 15.16 23.69
C GLU A 61 25.39 15.80 22.61
N PHE A 62 24.91 15.82 21.37
CA PHE A 62 25.62 16.47 20.26
C PHE A 62 25.66 18.01 20.44
N THR A 63 24.53 18.58 20.85
CA THR A 63 24.34 20.02 21.06
C THR A 63 25.29 20.54 22.14
N LYS A 64 25.37 19.80 23.25
CA LYS A 64 26.26 20.13 24.38
C LYS A 64 27.74 20.21 24.00
N LYS A 65 28.14 19.48 22.95
CA LYS A 65 29.52 19.48 22.49
C LYS A 65 29.79 20.59 21.48
N LEU A 66 28.74 21.24 20.92
CA LEU A 66 28.97 22.31 19.96
C LEU A 66 29.75 23.42 20.62
N PRO A 67 30.91 23.80 20.05
CA PRO A 67 31.75 24.83 20.69
C PRO A 67 31.00 26.09 21.12
N GLY A 68 31.12 26.41 22.41
CA GLY A 68 30.50 27.58 22.99
C GLY A 68 29.06 27.40 23.44
N PHE A 69 28.40 26.27 23.09
CA PHE A 69 27.01 26.05 23.50
C PHE A 69 26.80 26.16 25.02
N GLN A 70 27.76 25.61 25.80
CA GLN A 70 27.72 25.63 27.25
C GLN A 70 27.86 27.03 27.85
N THR A 71 28.43 28.00 27.09
CA THR A 71 28.61 29.39 27.53
C THR A 71 27.33 30.21 27.39
N LEU A 72 26.34 29.70 26.64
CA LEU A 72 25.07 30.38 26.43
C LEU A 72 24.19 30.40 27.67
N ASP A 73 23.27 31.37 27.72
CA ASP A 73 22.26 31.50 28.78
C ASP A 73 21.43 30.20 28.77
N HIS A 74 21.17 29.63 29.96
CA HIS A 74 20.44 28.35 30.12
C HIS A 74 19.07 28.36 29.48
N GLU A 75 18.34 29.48 29.57
CA GLU A 75 17.01 29.61 28.94
C GLU A 75 17.12 29.61 27.43
N ASP A 76 18.20 30.22 26.89
CA ASP A 76 18.47 30.23 25.45
C ASP A 76 18.86 28.85 24.96
N GLN A 77 19.60 28.07 25.78
CA GLN A 77 20.00 26.68 25.49
C GLN A 77 18.78 25.80 25.27
N ILE A 78 17.77 25.94 26.14
CA ILE A 78 16.48 25.23 26.07
C ILE A 78 15.73 25.68 24.81
N ALA A 79 15.66 27.01 24.58
CA ALA A 79 14.99 27.57 23.41
C ALA A 79 15.59 27.04 22.09
N LEU A 80 16.93 26.92 22.04
CA LEU A 80 17.63 26.40 20.86
C LEU A 80 17.33 24.93 20.63
N LEU A 81 17.36 24.13 21.70
CA LEU A 81 17.08 22.70 21.59
C LEU A 81 15.64 22.42 21.20
N LYS A 82 14.69 23.10 21.85
CA LYS A 82 13.26 22.92 21.55
C LYS A 82 12.90 23.43 20.15
N GLY A 83 13.58 24.48 19.70
CA GLY A 83 13.32 25.04 18.37
C GLY A 83 13.89 24.22 17.23
N SER A 84 14.88 23.34 17.51
CA SER A 84 15.56 22.54 16.48
C SER A 84 15.26 21.05 16.41
N ALA A 85 14.79 20.43 17.51
CA ALA A 85 14.59 18.97 17.60
C ALA A 85 13.81 18.34 16.45
N VAL A 86 12.66 18.92 16.05
CA VAL A 86 11.81 18.41 14.96
C VAL A 86 12.53 18.52 13.62
N GLU A 87 13.12 19.70 13.33
CA GLU A 87 13.88 19.92 12.08
C GLU A 87 15.06 18.97 11.99
N ALA A 88 15.77 18.77 13.12
CA ALA A 88 16.90 17.82 13.16
C ALA A 88 16.45 16.39 12.93
N MET A 89 15.27 16.01 13.44
CA MET A 89 14.72 14.67 13.17
C MET A 89 14.45 14.49 11.68
N PHE A 90 13.81 15.48 11.02
CA PHE A 90 13.51 15.39 9.60
C PHE A 90 14.77 15.42 8.75
N LEU A 91 15.79 16.14 9.18
CA LEU A 91 17.04 16.19 8.41
C LEU A 91 17.75 14.85 8.49
N ARG A 92 17.71 14.21 9.66
CA ARG A 92 18.33 12.91 9.85
C ARG A 92 17.56 11.84 9.09
N SER A 93 16.21 11.99 9.03
CA SER A 93 15.35 11.08 8.26
C SER A 93 15.64 11.19 6.77
N ALA A 94 15.89 12.42 6.28
CA ALA A 94 16.28 12.70 4.90
C ALA A 94 17.64 12.09 4.59
N GLU A 95 18.59 12.15 5.54
CA GLU A 95 19.92 11.55 5.38
C GLU A 95 19.79 10.04 5.25
N ILE A 96 19.02 9.42 6.16
CA ILE A 96 18.77 7.96 6.14
C ILE A 96 18.11 7.57 4.83
N PHE A 97 17.08 8.33 4.41
CA PHE A 97 16.35 8.02 3.17
C PHE A 97 17.21 8.02 1.91
N ASN A 98 18.22 8.90 1.87
CA ASN A 98 19.07 9.06 0.70
C ASN A 98 20.35 8.23 0.70
N LYS A 99 20.53 7.35 1.71
CA LYS A 99 21.68 6.44 1.75
C LYS A 99 21.45 5.38 0.67
N LYS A 100 22.50 5.04 -0.10
CA LYS A 100 22.39 4.05 -1.17
C LYS A 100 22.14 2.64 -0.64
N LEU A 101 21.17 1.95 -1.27
CA LEU A 101 20.75 0.60 -0.91
C LEU A 101 20.73 -0.28 -2.16
N PRO A 102 20.69 -1.64 -2.05
CA PRO A 102 20.61 -2.47 -3.26
C PRO A 102 19.38 -2.14 -4.12
N SER A 103 19.45 -2.38 -5.44
CA SER A 103 18.38 -2.12 -6.41
C SER A 103 16.99 -2.55 -5.90
N GLY A 104 16.04 -1.62 -5.94
CA GLY A 104 14.66 -1.85 -5.51
C GLY A 104 14.34 -1.58 -4.05
N HIS A 105 15.37 -1.59 -3.17
CA HIS A 105 15.23 -1.39 -1.73
C HIS A 105 14.67 -0.01 -1.34
N SER A 106 15.15 1.08 -1.98
CA SER A 106 14.66 2.42 -1.68
C SER A 106 13.20 2.63 -2.08
N ASP A 107 12.75 1.93 -3.15
CA ASP A 107 11.36 1.94 -3.60
C ASP A 107 10.46 1.28 -2.56
N LEU A 108 10.90 0.13 -1.98
CA LEU A 108 10.16 -0.60 -0.95
C LEU A 108 10.16 0.20 0.34
N LEU A 109 11.30 0.81 0.68
CA LEU A 109 11.42 1.66 1.87
C LEU A 109 10.41 2.81 1.81
N GLU A 110 10.31 3.48 0.65
CA GLU A 110 9.39 4.58 0.43
C GLU A 110 7.94 4.12 0.56
N ALA A 111 7.60 3.00 -0.10
CA ALA A 111 6.27 2.36 -0.09
C ALA A 111 5.85 1.98 1.32
N ARG A 112 6.79 1.44 2.13
CA ARG A 112 6.53 1.06 3.52
C ARG A 112 6.28 2.30 4.36
N ILE A 113 7.05 3.39 4.15
CA ILE A 113 6.85 4.65 4.88
C ILE A 113 5.51 5.32 4.48
N ARG A 114 5.14 5.28 3.19
CA ARG A 114 3.85 5.82 2.71
C ARG A 114 2.65 5.13 3.35
N ASN A 115 2.81 3.84 3.71
CA ASN A 115 1.77 3.04 4.34
C ASN A 115 2.02 2.74 5.82
N SER A 116 2.76 3.63 6.52
CA SER A 116 3.10 3.45 7.94
C SER A 116 1.99 3.91 8.91
N GLY A 117 1.02 4.67 8.43
CA GLY A 117 -0.07 5.18 9.25
C GLY A 117 -0.20 6.68 9.22
N ILE A 118 0.87 7.36 8.73
CA ILE A 118 0.93 8.80 8.54
C ILE A 118 -0.18 9.22 7.56
N SER A 119 -0.85 10.35 7.84
CA SER A 119 -1.93 10.90 7.02
C SER A 119 -1.39 11.29 5.65
N ASP A 120 -2.23 11.12 4.60
CA ASP A 120 -1.90 11.37 3.20
C ASP A 120 -1.31 12.76 2.94
N GLU A 121 -1.95 13.82 3.47
CA GLU A 121 -1.52 15.23 3.28
C GLU A 121 -0.08 15.55 3.79
N TYR A 122 0.49 14.70 4.67
CA TYR A 122 1.84 14.92 5.21
C TYR A 122 2.91 14.11 4.50
N ILE A 123 2.50 13.03 3.83
CA ILE A 123 3.37 12.10 3.09
C ILE A 123 4.13 12.80 1.97
N THR A 124 3.39 13.40 1.04
CA THR A 124 3.91 14.04 -0.17
C THR A 124 4.95 15.13 0.16
N PRO A 125 4.69 16.18 0.99
CA PRO A 125 5.75 17.18 1.30
C PRO A 125 7.01 16.62 1.98
N MET A 126 6.88 15.50 2.70
CA MET A 126 7.99 14.82 3.37
C MET A 126 8.94 14.21 2.35
N PHE A 127 8.40 13.43 1.40
CA PHE A 127 9.19 12.80 0.34
C PHE A 127 9.66 13.82 -0.68
N SER A 128 8.97 14.96 -0.78
CA SER A 128 9.36 16.08 -1.65
C SER A 128 10.65 16.66 -1.07
N PHE A 129 10.68 16.86 0.26
CA PHE A 129 11.85 17.33 0.95
C PHE A 129 13.00 16.32 0.90
N TYR A 130 12.70 15.01 1.18
CA TYR A 130 13.72 13.96 1.13
C TYR A 130 14.38 13.86 -0.24
N LYS A 131 13.59 13.90 -1.34
CA LYS A 131 14.14 13.77 -2.68
C LYS A 131 14.93 15.01 -3.12
N SER A 132 14.59 16.20 -2.57
CA SER A 132 15.27 17.47 -2.85
C SER A 132 16.63 17.50 -2.15
N ILE A 133 16.69 16.93 -0.92
CA ILE A 133 17.91 16.78 -0.14
C ILE A 133 18.87 15.85 -0.92
N GLY A 134 18.32 14.77 -1.48
CA GLY A 134 19.04 13.76 -2.24
C GLY A 134 19.71 14.26 -3.51
N GLU A 135 19.08 15.23 -4.20
CA GLU A 135 19.62 15.82 -5.43
C GLU A 135 20.91 16.58 -5.16
N LEU A 136 21.07 17.11 -3.92
CA LEU A 136 22.27 17.85 -3.49
C LEU A 136 23.49 16.96 -3.29
N LYS A 137 23.28 15.63 -3.16
CA LYS A 137 24.31 14.60 -3.00
C LYS A 137 25.29 14.98 -1.88
N MET A 138 24.72 15.34 -0.72
CA MET A 138 25.44 15.79 0.47
C MET A 138 26.33 14.71 1.03
N THR A 139 27.51 15.12 1.51
CA THR A 139 28.47 14.23 2.17
C THR A 139 28.04 14.15 3.62
N GLN A 140 28.62 13.19 4.39
CA GLN A 140 28.37 13.02 5.83
C GLN A 140 28.70 14.31 6.62
N GLU A 141 29.78 15.01 6.21
CA GLU A 141 30.28 16.27 6.81
C GLU A 141 29.28 17.39 6.61
N GLU A 142 28.62 17.41 5.43
CA GLU A 142 27.63 18.43 5.12
C GLU A 142 26.37 18.26 5.98
N TYR A 143 25.93 17.00 6.23
CA TYR A 143 24.76 16.75 7.10
C TYR A 143 25.09 17.12 8.54
N ALA A 144 26.32 16.81 8.98
CA ALA A 144 26.76 17.09 10.35
C ALA A 144 26.80 18.58 10.62
N LEU A 145 27.47 19.35 9.73
CA LEU A 145 27.53 20.82 9.81
C LEU A 145 26.13 21.44 9.68
N LEU A 146 25.31 20.97 8.73
CA LEU A 146 23.97 21.52 8.56
C LEU A 146 23.10 21.28 9.80
N THR A 147 23.27 20.13 10.48
CA THR A 147 22.55 19.85 11.74
C THR A 147 22.99 20.86 12.79
N ALA A 148 24.33 21.05 12.90
CA ALA A 148 24.87 22.05 13.85
C ALA A 148 24.38 23.44 13.56
N ILE A 149 24.25 23.80 12.27
CA ILE A 149 23.75 25.13 11.84
C ILE A 149 22.27 25.29 12.19
N VAL A 150 21.49 24.22 12.04
CA VAL A 150 20.07 24.19 12.37
C VAL A 150 19.90 24.48 13.88
N ILE A 151 20.69 23.80 14.73
CA ILE A 151 20.61 23.95 16.20
C ILE A 151 20.99 25.36 16.65
N LEU A 152 22.06 25.90 16.08
CA LEU A 152 22.55 27.24 16.44
C LEU A 152 21.91 28.34 15.58
N SER A 153 20.57 28.32 15.42
CA SER A 153 19.86 29.33 14.65
C SER A 153 19.51 30.47 15.56
N PRO A 154 20.07 31.68 15.29
CA PRO A 154 19.79 32.83 16.15
C PRO A 154 18.36 33.38 16.05
N ASP A 155 17.67 33.05 14.95
CA ASP A 155 16.31 33.49 14.64
C ASP A 155 15.21 32.55 15.20
N ARG A 156 15.47 31.85 16.31
CA ARG A 156 14.46 31.01 16.97
C ARG A 156 13.65 31.89 17.90
N GLN A 157 12.39 31.50 18.11
CA GLN A 157 11.46 32.20 19.00
C GLN A 157 11.94 32.05 20.46
N TYR A 158 11.85 33.14 21.23
CA TYR A 158 12.20 33.29 22.65
C TYR A 158 13.71 33.40 22.94
N ILE A 159 14.57 33.62 21.92
CA ILE A 159 16.00 33.82 22.16
C ILE A 159 16.24 35.24 22.67
N LYS A 160 16.84 35.34 23.87
CA LYS A 160 17.14 36.63 24.49
C LYS A 160 18.38 37.29 23.90
N ASP A 161 19.48 36.51 23.74
CA ASP A 161 20.74 37.02 23.21
C ASP A 161 21.07 36.38 21.86
N ARG A 162 20.47 36.92 20.79
CA ARG A 162 20.63 36.43 19.40
C ARG A 162 22.04 36.56 18.89
N GLU A 163 22.76 37.60 19.31
CA GLU A 163 24.14 37.86 18.89
C GLU A 163 25.11 36.81 19.42
N ALA A 164 24.87 36.31 20.65
CA ALA A 164 25.68 35.24 21.21
C ALA A 164 25.52 33.97 20.36
N VAL A 165 24.30 33.71 19.86
CA VAL A 165 24.01 32.54 19.03
C VAL A 165 24.67 32.72 17.64
N GLU A 166 24.54 33.93 17.05
CA GLU A 166 25.14 34.30 15.75
C GLU A 166 26.62 33.99 15.71
N LYS A 167 27.35 34.33 16.78
CA LYS A 167 28.79 34.15 16.90
C LYS A 167 29.22 32.69 16.88
N LEU A 168 28.36 31.79 17.38
CA LEU A 168 28.64 30.35 17.40
C LEU A 168 28.30 29.70 16.06
N GLN A 169 27.27 30.21 15.38
CA GLN A 169 26.83 29.70 14.08
C GLN A 169 27.78 30.09 12.95
N GLU A 170 28.29 31.36 12.96
CA GLU A 170 29.16 31.92 11.91
C GLU A 170 30.35 31.02 11.55
N PRO A 171 31.21 30.53 12.48
CA PRO A 171 32.30 29.65 12.06
C PRO A 171 31.85 28.35 11.40
N LEU A 172 30.65 27.83 11.76
CA LEU A 172 30.15 26.60 11.14
C LEU A 172 29.68 26.85 9.72
N LEU A 173 29.06 28.02 9.47
CA LEU A 173 28.62 28.42 8.14
C LEU A 173 29.84 28.62 7.24
N ASP A 174 30.93 29.18 7.80
CA ASP A 174 32.19 29.38 7.08
C ASP A 174 32.84 28.06 6.64
N VAL A 175 32.85 27.05 7.52
CA VAL A 175 33.37 25.72 7.20
C VAL A 175 32.50 25.07 6.12
N LEU A 176 31.17 25.15 6.28
CA LEU A 176 30.26 24.55 5.30
C LEU A 176 30.41 25.18 3.92
N GLN A 177 30.56 26.52 3.88
CA GLN A 177 30.77 27.26 2.62
C GLN A 177 32.04 26.77 1.90
N LYS A 178 33.15 26.64 2.63
CA LYS A 178 34.42 26.14 2.08
C LYS A 178 34.26 24.69 1.57
N LEU A 179 33.55 23.82 2.32
CA LEU A 179 33.29 22.43 1.93
C LEU A 179 32.45 22.31 0.68
N CYS A 180 31.45 23.20 0.50
CA CYS A 180 30.60 23.23 -0.70
C CYS A 180 31.42 23.56 -1.94
N LYS A 181 32.37 24.50 -1.83
CA LYS A 181 33.27 24.93 -2.91
C LYS A 181 34.33 23.87 -3.28
N ILE A 182 34.65 22.96 -2.33
CA ILE A 182 35.62 21.87 -2.48
C ILE A 182 34.96 20.60 -3.03
N HIS A 183 33.81 20.18 -2.46
CA HIS A 183 33.07 19.00 -2.88
C HIS A 183 32.38 19.18 -4.25
N GLN A 184 31.87 20.39 -4.51
CA GLN A 184 31.18 20.73 -5.76
C GLN A 184 31.71 22.06 -6.34
N PRO A 185 32.92 22.06 -6.95
CA PRO A 185 33.47 23.32 -7.50
C PRO A 185 32.79 23.81 -8.78
N GLU A 186 32.12 22.90 -9.50
CA GLU A 186 31.40 23.22 -10.75
C GLU A 186 30.06 23.94 -10.46
N ASN A 187 29.46 23.66 -9.28
CA ASN A 187 28.18 24.23 -8.83
C ASN A 187 28.43 25.29 -7.74
N PRO A 188 28.52 26.59 -8.10
CA PRO A 188 28.76 27.62 -7.07
C PRO A 188 27.50 27.95 -6.25
N GLN A 189 26.34 27.45 -6.69
CA GLN A 189 25.05 27.65 -6.04
C GLN A 189 24.79 26.65 -4.92
N HIS A 190 25.64 25.60 -4.80
CA HIS A 190 25.49 24.53 -3.83
C HIS A 190 25.30 25.00 -2.39
N PHE A 191 26.14 25.94 -1.93
CA PHE A 191 26.02 26.47 -0.57
C PHE A 191 24.66 27.12 -0.35
N ALA A 192 24.23 27.98 -1.28
CA ALA A 192 22.93 28.65 -1.23
C ALA A 192 21.79 27.65 -1.27
N CYS A 193 21.91 26.58 -2.09
CA CYS A 193 20.91 25.49 -2.18
C CYS A 193 20.73 24.86 -0.81
N LEU A 194 21.85 24.55 -0.09
CA LEU A 194 21.83 23.97 1.26
C LEU A 194 21.10 24.88 2.23
N LEU A 195 21.41 26.18 2.20
CA LEU A 195 20.76 27.16 3.08
C LEU A 195 19.26 27.28 2.76
N GLY A 196 18.92 27.14 1.49
CA GLY A 196 17.54 27.15 1.02
C GLY A 196 16.74 25.97 1.53
N ARG A 197 17.40 24.81 1.63
CA ARG A 197 16.82 23.57 2.15
C ARG A 197 16.45 23.72 3.63
N LEU A 198 17.11 24.66 4.35
CA LEU A 198 16.84 24.92 5.77
C LEU A 198 15.54 25.66 5.99
N THR A 199 15.11 26.45 4.99
CA THR A 199 13.86 27.19 5.00
C THR A 199 12.73 26.19 4.76
N GLU A 200 12.96 25.17 3.90
CA GLU A 200 12.00 24.12 3.63
C GLU A 200 11.82 23.27 4.89
N LEU A 201 12.92 23.03 5.64
CA LEU A 201 12.92 22.29 6.90
C LEU A 201 11.98 22.90 7.92
N ARG A 202 11.96 24.24 8.03
CA ARG A 202 11.13 24.93 9.01
C ARG A 202 9.62 24.70 8.87
N THR A 203 9.14 24.37 7.67
CA THR A 203 7.72 24.12 7.40
C THR A 203 7.17 22.94 8.19
N PHE A 204 8.05 21.96 8.50
CA PHE A 204 7.71 20.76 9.26
C PHE A 204 7.34 21.04 10.71
N ASN A 205 7.78 22.18 11.29
CA ASN A 205 7.43 22.55 12.67
C ASN A 205 5.97 22.85 12.84
N HIS A 206 5.42 23.65 11.91
CA HIS A 206 4.05 24.14 11.95
C HIS A 206 3.01 23.04 12.00
N HIS A 207 3.23 21.94 11.28
CA HIS A 207 2.27 20.85 11.24
C HIS A 207 2.71 19.53 11.90
N HIS A 208 3.88 19.49 12.60
CA HIS A 208 4.38 18.25 13.22
CA HIS A 208 4.37 18.27 13.24
C HIS A 208 3.35 17.64 14.20
N ALA A 209 2.81 18.42 15.16
CA ALA A 209 1.85 17.92 16.13
C ALA A 209 0.61 17.31 15.47
N GLU A 210 0.10 17.98 14.40
CA GLU A 210 -1.05 17.55 13.60
C GLU A 210 -0.73 16.28 12.83
N MET A 211 0.51 16.18 12.30
CA MET A 211 1.05 15.04 11.55
C MET A 211 1.02 13.80 12.45
N LEU A 212 1.41 13.95 13.72
CA LEU A 212 1.45 12.86 14.71
C LEU A 212 0.06 12.45 15.20
N MET A 213 -0.82 13.43 15.45
CA MET A 213 -2.18 13.16 15.94
C MET A 213 -3.09 12.61 14.85
N SER A 214 -2.70 12.79 13.58
CA SER A 214 -3.41 12.32 12.39
C SER A 214 -3.04 10.87 12.02
N TRP A 215 -2.01 10.32 12.68
CA TRP A 215 -1.54 8.94 12.49
C TRP A 215 -2.70 7.99 12.74
N ARG A 216 -2.95 7.04 11.81
CA ARG A 216 -4.10 6.11 11.88
C ARG A 216 -3.97 5.05 12.97
N VAL A 217 -4.04 5.49 14.23
CA VAL A 217 -4.00 4.64 15.44
C VAL A 217 -5.14 5.11 16.36
N ASN A 218 -5.58 4.24 17.28
CA ASN A 218 -6.66 4.53 18.21
C ASN A 218 -6.22 5.51 19.30
N ASP A 219 -5.03 5.28 19.87
CA ASP A 219 -4.47 6.12 20.92
C ASP A 219 -3.06 6.56 20.56
N HIS A 220 -2.76 7.84 20.84
CA HIS A 220 -1.46 8.43 20.54
C HIS A 220 -0.65 8.65 21.82
N LYS A 221 0.09 7.61 22.23
CA LYS A 221 0.89 7.65 23.44
C LYS A 221 2.31 8.09 23.11
N PHE A 222 2.80 9.10 23.86
CA PHE A 222 4.14 9.67 23.72
C PHE A 222 4.88 9.58 25.06
N THR A 223 6.21 9.60 25.02
CA THR A 223 7.07 9.54 26.22
C THR A 223 7.11 10.92 26.88
N PRO A 224 7.30 11.05 28.21
CA PRO A 224 7.38 12.39 28.81
C PRO A 224 8.40 13.34 28.16
N LEU A 225 9.52 12.80 27.61
CA LEU A 225 10.52 13.62 26.93
C LEU A 225 9.98 14.14 25.58
N LEU A 226 9.24 13.29 24.82
CA LEU A 226 8.65 13.70 23.55
C LEU A 226 7.59 14.77 23.78
N CYS A 227 6.84 14.69 24.89
CA CYS A 227 5.83 15.69 25.22
C CYS A 227 6.48 17.05 25.48
N GLU A 228 7.73 17.06 25.94
CA GLU A 228 8.49 18.29 26.21
C GLU A 228 8.97 18.96 24.93
N ILE A 229 9.44 18.15 23.96
CA ILE A 229 9.99 18.64 22.69
C ILE A 229 8.93 18.89 21.63
N TRP A 230 7.86 18.07 21.62
CA TRP A 230 6.77 18.17 20.65
C TRP A 230 5.55 18.85 21.25
N ASP A 231 4.65 19.41 20.42
CA ASP A 231 3.45 20.07 20.94
C ASP A 231 2.34 19.02 21.08
N VAL A 232 2.59 17.99 21.93
CA VAL A 232 1.66 16.86 22.12
C VAL A 232 1.32 16.61 23.60
N GLN A 233 0.12 16.03 23.86
CA GLN A 233 -0.47 15.70 25.16
C GLN A 233 -0.45 16.87 26.15
N LYS B 1 8.74 23.44 36.92
CA LYS B 1 8.85 24.25 35.70
C LYS B 1 8.80 23.39 34.42
N ASP B 2 8.31 23.98 33.30
CA ASP B 2 8.19 23.35 31.98
C ASP B 2 9.59 23.05 31.42
N HIS B 3 9.69 21.97 30.61
CA HIS B 3 10.93 21.46 30.01
C HIS B 3 11.92 20.97 31.07
N GLN B 4 11.41 20.34 32.14
CA GLN B 4 12.20 19.86 33.25
C GLN B 4 13.17 18.73 32.84
N LEU B 5 12.77 17.86 31.89
CA LEU B 5 13.61 16.76 31.42
C LEU B 5 14.73 17.28 30.52
N LEU B 6 14.41 18.27 29.67
CA LEU B 6 15.40 18.91 28.79
C LEU B 6 16.43 19.62 29.62
N ARG B 7 15.97 20.43 30.62
CA ARG B 7 16.85 21.17 31.53
CA ARG B 7 16.84 21.17 31.54
C ARG B 7 17.74 20.17 32.25
N TYR B 8 17.19 19.00 32.63
CA TYR B 8 17.96 17.96 33.29
C TYR B 8 19.06 17.40 32.39
N LEU B 9 18.70 16.98 31.15
CA LEU B 9 19.65 16.47 30.18
C LEU B 9 20.73 17.50 29.84
N LEU B 10 20.36 18.80 29.77
CA LEU B 10 21.30 19.89 29.48
C LEU B 10 22.29 20.14 30.62
N ASP B 11 21.86 19.90 31.87
CA ASP B 11 22.71 20.05 33.06
C ASP B 11 23.06 18.69 33.65
N MET C 4 -6.05 4.17 0.30
CA MET C 4 -7.12 4.79 1.07
C MET C 4 -7.95 3.74 1.83
N GLU C 5 -8.40 4.09 3.05
CA GLU C 5 -9.22 3.17 3.85
C GLU C 5 -10.69 3.20 3.42
N LEU C 6 -11.43 2.08 3.64
CA LEU C 6 -12.86 2.00 3.31
C LEU C 6 -13.66 2.91 4.23
N THR C 7 -14.74 3.49 3.71
CA THR C 7 -15.64 4.35 4.50
C THR C 7 -16.65 3.41 5.20
N PRO C 8 -17.42 3.86 6.24
CA PRO C 8 -18.43 2.99 6.85
C PRO C 8 -19.44 2.42 5.85
N ASP C 9 -19.87 3.23 4.85
CA ASP C 9 -20.81 2.81 3.79
C ASP C 9 -20.21 1.74 2.89
N GLN C 10 -18.90 1.85 2.58
CA GLN C 10 -18.19 0.89 1.73
C GLN C 10 -18.02 -0.45 2.46
N GLN C 11 -17.80 -0.40 3.78
CA GLN C 11 -17.66 -1.57 4.65
C GLN C 11 -18.99 -2.34 4.71
N THR C 12 -20.12 -1.61 4.78
CA THR C 12 -21.50 -2.13 4.76
C THR C 12 -21.76 -2.81 3.40
N LEU C 13 -21.42 -2.13 2.30
CA LEU C 13 -21.57 -2.65 0.95
C LEU C 13 -20.75 -3.94 0.79
N LEU C 14 -19.48 -3.95 1.24
CA LEU C 14 -18.59 -5.11 1.18
C LEU C 14 -19.18 -6.32 1.93
N HIS C 15 -19.61 -6.12 3.18
CA HIS C 15 -20.21 -7.19 3.98
C HIS C 15 -21.48 -7.76 3.34
N PHE C 16 -22.30 -6.90 2.73
CA PHE C 16 -23.52 -7.28 2.03
C PHE C 16 -23.19 -8.16 0.82
N ILE C 17 -22.20 -7.74 0.02
CA ILE C 17 -21.74 -8.48 -1.17
C ILE C 17 -21.18 -9.83 -0.72
N MET C 18 -20.39 -9.84 0.36
CA MET C 18 -19.80 -11.07 0.89
C MET C 18 -20.83 -12.08 1.34
N ASP C 19 -21.88 -11.65 2.04
CA ASP C 19 -22.95 -12.55 2.51
C ASP C 19 -23.69 -13.18 1.35
N SER C 20 -24.01 -12.40 0.30
CA SER C 20 -24.70 -12.90 -0.91
C SER C 20 -23.76 -13.85 -1.66
N TYR C 21 -22.45 -13.53 -1.73
CA TYR C 21 -21.47 -14.36 -2.41
C TYR C 21 -21.25 -15.71 -1.74
N ASN C 22 -21.29 -15.75 -0.39
CA ASN C 22 -21.07 -16.94 0.43
C ASN C 22 -22.20 -17.98 0.36
N LYS C 23 -23.32 -17.67 -0.32
CA LYS C 23 -24.44 -18.61 -0.48
C LYS C 23 -24.15 -19.63 -1.59
N GLN C 24 -22.95 -19.57 -2.16
CA GLN C 24 -22.51 -20.49 -3.22
C GLN C 24 -22.13 -21.82 -2.59
N ARG C 25 -22.18 -22.89 -3.40
CA ARG C 25 -21.79 -24.24 -2.99
C ARG C 25 -20.32 -24.17 -2.55
N MET C 26 -20.01 -24.71 -1.38
CA MET C 26 -18.67 -24.67 -0.78
C MET C 26 -17.58 -25.30 -1.64
N PRO C 27 -16.38 -24.67 -1.76
CA PRO C 27 -15.30 -25.26 -2.56
C PRO C 27 -14.95 -26.70 -2.15
N GLN C 28 -14.95 -26.98 -0.82
CA GLN C 28 -14.70 -28.30 -0.23
C GLN C 28 -15.60 -29.39 -0.80
N GLU C 29 -16.91 -29.09 -1.02
CA GLU C 29 -17.91 -30.03 -1.54
C GLU C 29 -17.50 -30.58 -2.92
N ILE C 30 -17.09 -29.67 -3.81
CA ILE C 30 -16.67 -29.91 -5.18
C ILE C 30 -15.36 -30.72 -5.25
N THR C 31 -14.31 -30.25 -4.55
CA THR C 31 -13.00 -30.89 -4.54
C THR C 31 -13.03 -32.25 -3.88
N ASN C 32 -13.83 -32.43 -2.80
CA ASN C 32 -13.98 -33.73 -2.13
C ASN C 32 -14.54 -34.77 -3.10
N LYS C 33 -15.53 -34.38 -3.93
CA LYS C 33 -16.15 -35.27 -4.91
C LYS C 33 -15.17 -35.73 -6.00
N ILE C 34 -14.41 -34.77 -6.57
CA ILE C 34 -13.41 -35.01 -7.62
C ILE C 34 -12.26 -35.88 -7.08
N LEU C 35 -11.78 -35.58 -5.86
CA LEU C 35 -10.67 -36.30 -5.22
C LEU C 35 -11.03 -37.69 -4.72
N LYS C 36 -12.31 -37.91 -4.31
CA LYS C 36 -12.79 -39.19 -3.76
C LYS C 36 -12.59 -40.36 -4.70
N GLU C 37 -13.05 -40.22 -5.96
CA GLU C 37 -12.95 -41.30 -6.94
C GLU C 37 -12.87 -40.73 -8.34
N ALA C 38 -12.30 -41.50 -9.27
CA ALA C 38 -12.19 -41.08 -10.66
C ALA C 38 -13.49 -41.46 -11.38
N PHE C 39 -14.01 -40.54 -12.19
CA PHE C 39 -15.23 -40.80 -12.94
C PHE C 39 -14.94 -40.93 -14.44
N SER C 40 -15.89 -41.48 -15.21
CA SER C 40 -15.78 -41.59 -16.66
C SER C 40 -16.06 -40.19 -17.24
N ALA C 41 -15.75 -39.96 -18.54
CA ALA C 41 -16.02 -38.67 -19.20
C ALA C 41 -17.54 -38.40 -19.24
N GLU C 42 -18.35 -39.47 -19.33
CA GLU C 42 -19.82 -39.40 -19.31
C GLU C 42 -20.32 -38.91 -17.94
N GLU C 43 -19.76 -39.45 -16.83
CA GLU C 43 -20.11 -39.07 -15.46
C GLU C 43 -19.67 -37.64 -15.17
N ASN C 44 -18.46 -37.27 -15.63
CA ASN C 44 -17.92 -35.91 -15.45
C ASN C 44 -18.70 -34.86 -16.25
N PHE C 45 -19.23 -35.22 -17.43
CA PHE C 45 -20.02 -34.25 -18.20
C PHE C 45 -21.30 -33.89 -17.42
N LEU C 46 -21.93 -34.91 -16.82
CA LEU C 46 -23.15 -34.77 -16.02
C LEU C 46 -22.87 -34.05 -14.70
N ILE C 47 -21.67 -34.26 -14.09
CA ILE C 47 -21.30 -33.53 -12.87
C ILE C 47 -21.15 -32.05 -13.25
N LEU C 48 -20.54 -31.77 -14.41
CA LEU C 48 -20.37 -30.39 -14.90
C LEU C 48 -21.70 -29.67 -15.13
N THR C 49 -22.65 -30.31 -15.82
CA THR C 49 -23.95 -29.68 -16.12
C THR C 49 -24.76 -29.41 -14.83
N GLU C 50 -24.69 -30.33 -13.85
CA GLU C 50 -25.37 -30.14 -12.56
C GLU C 50 -24.72 -28.99 -11.78
N MET C 51 -23.38 -28.90 -11.80
CA MET C 51 -22.64 -27.84 -11.12
C MET C 51 -22.95 -26.49 -11.75
N ALA C 52 -23.02 -26.44 -13.07
CA ALA C 52 -23.24 -25.21 -13.82
C ALA C 52 -24.67 -24.74 -13.67
N THR C 53 -25.64 -25.67 -13.55
CA THR C 53 -27.05 -25.30 -13.36
C THR C 53 -27.21 -24.69 -11.96
N ASN C 54 -26.64 -25.32 -10.93
CA ASN C 54 -26.70 -24.78 -9.58
C ASN C 54 -26.00 -23.41 -9.51
N HIS C 55 -24.84 -23.30 -10.17
CA HIS C 55 -24.08 -22.05 -10.20
C HIS C 55 -24.88 -20.90 -10.82
N VAL C 56 -25.59 -21.12 -11.94
CA VAL C 56 -26.38 -20.08 -12.59
C VAL C 56 -27.53 -19.65 -11.69
N GLN C 57 -28.20 -20.63 -11.05
CA GLN C 57 -29.29 -20.32 -10.12
C GLN C 57 -28.84 -19.41 -8.98
N VAL C 58 -27.68 -19.69 -8.37
CA VAL C 58 -27.13 -18.92 -7.26
C VAL C 58 -26.61 -17.55 -7.77
N LEU C 59 -26.05 -17.52 -8.98
CA LEU C 59 -25.57 -16.31 -9.63
C LEU C 59 -26.71 -15.33 -9.92
N VAL C 60 -27.91 -15.83 -10.32
CA VAL C 60 -29.07 -14.94 -10.53
C VAL C 60 -29.43 -14.32 -9.17
N GLU C 61 -29.46 -15.14 -8.08
CA GLU C 61 -29.75 -14.64 -6.73
C GLU C 61 -28.74 -13.60 -6.26
N PHE C 62 -27.45 -13.80 -6.57
CA PHE C 62 -26.41 -12.84 -6.22
C PHE C 62 -26.54 -11.53 -7.02
N THR C 63 -26.80 -11.66 -8.32
CA THR C 63 -26.97 -10.55 -9.26
C THR C 63 -28.12 -9.63 -8.85
N LYS C 64 -29.27 -10.23 -8.48
CA LYS C 64 -30.47 -9.52 -8.04
C LYS C 64 -30.22 -8.65 -6.81
N LYS C 65 -29.26 -9.04 -5.96
CA LYS C 65 -28.94 -8.30 -4.75
C LYS C 65 -27.93 -7.21 -4.99
N LEU C 66 -27.26 -7.19 -6.17
CA LEU C 66 -26.28 -6.13 -6.47
C LEU C 66 -27.00 -4.79 -6.48
N PRO C 67 -26.54 -3.84 -5.65
CA PRO C 67 -27.23 -2.55 -5.56
C PRO C 67 -27.57 -1.90 -6.91
N GLY C 68 -28.86 -1.61 -7.10
CA GLY C 68 -29.37 -0.96 -8.30
C GLY C 68 -29.68 -1.90 -9.46
N PHE C 69 -29.29 -3.17 -9.39
CA PHE C 69 -29.55 -4.11 -10.49
C PHE C 69 -31.02 -4.18 -10.89
N GLN C 70 -31.91 -4.16 -9.89
CA GLN C 70 -33.37 -4.22 -10.07
C GLN C 70 -33.93 -2.97 -10.77
N THR C 71 -33.21 -1.82 -10.70
CA THR C 71 -33.62 -0.56 -11.34
C THR C 71 -33.32 -0.53 -12.84
N LEU C 72 -32.50 -1.47 -13.33
CA LEU C 72 -32.13 -1.54 -14.74
C LEU C 72 -33.27 -2.04 -15.62
N ASP C 73 -33.18 -1.71 -16.94
CA ASP C 73 -34.11 -2.17 -17.95
C ASP C 73 -34.07 -3.71 -17.96
N HIS C 74 -35.25 -4.36 -18.01
CA HIS C 74 -35.38 -5.82 -17.97
C HIS C 74 -34.60 -6.54 -19.05
N GLU C 75 -34.57 -5.98 -20.28
CA GLU C 75 -33.82 -6.57 -21.38
C GLU C 75 -32.32 -6.46 -21.14
N ASP C 76 -31.88 -5.37 -20.49
CA ASP C 76 -30.48 -5.17 -20.13
C ASP C 76 -30.07 -6.12 -19.00
N GLN C 77 -31.00 -6.41 -18.05
CA GLN C 77 -30.79 -7.36 -16.95
C GLN C 77 -30.48 -8.75 -17.49
N ILE C 78 -31.24 -9.20 -18.51
CA ILE C 78 -31.06 -10.48 -19.18
C ILE C 78 -29.71 -10.46 -19.93
N ALA C 79 -29.43 -9.37 -20.67
CA ALA C 79 -28.18 -9.21 -21.40
C ALA C 79 -26.95 -9.30 -20.47
N LEU C 80 -27.04 -8.71 -19.27
CA LEU C 80 -25.96 -8.74 -18.28
C LEU C 80 -25.75 -10.13 -17.72
N LEU C 81 -26.84 -10.83 -17.39
CA LEU C 81 -26.76 -12.20 -16.86
C LEU C 81 -26.23 -13.19 -17.88
N LYS C 82 -26.74 -13.11 -19.11
CA LYS C 82 -26.29 -13.98 -20.20
C LYS C 82 -24.84 -13.70 -20.62
N GLY C 83 -24.43 -12.44 -20.55
CA GLY C 83 -23.07 -12.06 -20.91
C GLY C 83 -22.03 -12.44 -19.88
N SER C 84 -22.44 -12.67 -18.61
CA SER C 84 -21.51 -12.94 -17.51
C SER C 84 -21.44 -14.36 -16.96
N ALA C 85 -22.52 -15.17 -17.11
CA ALA C 85 -22.61 -16.50 -16.53
C ALA C 85 -21.40 -17.42 -16.73
N VAL C 86 -20.88 -17.52 -17.98
CA VAL C 86 -19.72 -18.35 -18.32
C VAL C 86 -18.44 -17.83 -17.65
N GLU C 87 -18.19 -16.52 -17.72
CA GLU C 87 -17.04 -15.89 -17.09
C GLU C 87 -17.05 -16.06 -15.60
N ALA C 88 -18.25 -15.94 -14.98
CA ALA C 88 -18.43 -16.12 -13.55
C ALA C 88 -18.17 -17.56 -13.15
N MET C 89 -18.56 -18.53 -14.01
CA MET C 89 -18.27 -19.94 -13.73
C MET C 89 -16.75 -20.19 -13.73
N PHE C 90 -16.02 -19.65 -14.72
CA PHE C 90 -14.57 -19.84 -14.79
C PHE C 90 -13.83 -19.14 -13.66
N LEU C 91 -14.36 -18.00 -13.21
CA LEU C 91 -13.73 -17.28 -12.11
C LEU C 91 -13.94 -18.04 -10.80
N ARG C 92 -15.12 -18.64 -10.63
CA ARG C 92 -15.43 -19.42 -9.43
C ARG C 92 -14.61 -20.71 -9.43
N SER C 93 -14.39 -21.30 -10.62
CA SER C 93 -13.57 -22.51 -10.79
C SER C 93 -12.12 -22.20 -10.42
N ALA C 94 -11.63 -21.01 -10.79
CA ALA C 94 -10.29 -20.53 -10.45
C ALA C 94 -10.16 -20.34 -8.95
N GLU C 95 -11.22 -19.81 -8.30
CA GLU C 95 -11.22 -19.61 -6.85
C GLU C 95 -11.14 -20.96 -6.13
N ILE C 96 -11.97 -21.93 -6.56
CA ILE C 96 -12.00 -23.29 -6.01
C ILE C 96 -10.63 -23.93 -6.20
N PHE C 97 -10.06 -23.83 -7.40
CA PHE C 97 -8.77 -24.45 -7.70
C PHE C 97 -7.62 -23.97 -6.83
N ASN C 98 -7.66 -22.69 -6.44
CA ASN C 98 -6.59 -22.05 -5.67
C ASN C 98 -6.76 -22.11 -4.16
N LYS C 99 -7.82 -22.77 -3.66
CA LYS C 99 -8.02 -22.99 -2.23
C LYS C 99 -6.98 -24.01 -1.75
N LYS C 100 -6.31 -23.75 -0.61
CA LYS C 100 -5.27 -24.64 -0.09
C LYS C 100 -5.83 -25.98 0.36
N LEU C 101 -5.15 -27.08 -0.04
CA LEU C 101 -5.53 -28.45 0.29
C LEU C 101 -4.33 -29.20 0.88
N PRO C 102 -4.51 -30.37 1.56
CA PRO C 102 -3.33 -31.11 2.07
C PRO C 102 -2.35 -31.48 0.94
N SER C 103 -1.05 -31.65 1.29
CA SER C 103 0.03 -31.97 0.36
C SER C 103 -0.36 -33.07 -0.64
N GLY C 104 -0.18 -32.79 -1.94
CA GLY C 104 -0.47 -33.71 -3.03
C GLY C 104 -1.88 -33.67 -3.61
N HIS C 105 -2.85 -33.16 -2.83
CA HIS C 105 -4.27 -33.08 -3.22
C HIS C 105 -4.52 -32.22 -4.46
N SER C 106 -3.89 -31.03 -4.55
CA SER C 106 -4.06 -30.13 -5.71
C SER C 106 -3.50 -30.74 -6.99
N ASP C 107 -2.43 -31.54 -6.90
CA ASP C 107 -1.83 -32.25 -8.03
C ASP C 107 -2.80 -33.30 -8.57
N LEU C 108 -3.46 -34.07 -7.68
CA LEU C 108 -4.45 -35.08 -8.05
C LEU C 108 -5.69 -34.42 -8.61
N LEU C 109 -6.13 -33.34 -7.99
CA LEU C 109 -7.30 -32.57 -8.45
C LEU C 109 -7.06 -32.10 -9.91
N GLU C 110 -5.88 -31.54 -10.20
CA GLU C 110 -5.51 -31.06 -11.52
C GLU C 110 -5.51 -32.20 -12.54
N ALA C 111 -4.86 -33.33 -12.17
CA ALA C 111 -4.76 -34.54 -12.98
C ALA C 111 -6.13 -35.13 -13.31
N ARG C 112 -7.05 -35.13 -12.33
CA ARG C 112 -8.42 -35.62 -12.53
C ARG C 112 -9.19 -34.70 -13.48
N ILE C 113 -9.01 -33.38 -13.35
CA ILE C 113 -9.67 -32.41 -14.23
C ILE C 113 -9.09 -32.50 -15.66
N ARG C 114 -7.77 -32.69 -15.82
CA ARG C 114 -7.13 -32.87 -17.14
C ARG C 114 -7.67 -34.10 -17.88
N ASN C 115 -8.12 -35.12 -17.13
CA ASN C 115 -8.67 -36.34 -17.70
C ASN C 115 -10.19 -36.48 -17.52
N SER C 116 -10.91 -35.35 -17.42
CA SER C 116 -12.35 -35.34 -17.23
C SER C 116 -13.19 -35.53 -18.51
N GLY C 117 -12.58 -35.36 -19.67
CA GLY C 117 -13.26 -35.51 -20.96
C GLY C 117 -13.15 -34.31 -21.87
N ILE C 118 -12.71 -33.19 -21.33
CA ILE C 118 -12.46 -31.96 -22.06
C ILE C 118 -11.17 -32.14 -22.90
N SER C 119 -11.07 -31.47 -24.06
CA SER C 119 -9.91 -31.53 -24.95
C SER C 119 -8.73 -30.83 -24.29
N ASP C 120 -7.49 -31.29 -24.59
CA ASP C 120 -6.26 -30.70 -24.03
C ASP C 120 -6.06 -29.23 -24.42
N GLU C 121 -6.50 -28.84 -25.64
CA GLU C 121 -6.36 -27.47 -26.13
C GLU C 121 -7.15 -26.45 -25.31
N TYR C 122 -8.14 -26.89 -24.55
CA TYR C 122 -8.94 -26.03 -23.70
C TYR C 122 -8.48 -26.14 -22.26
N ILE C 123 -7.93 -27.32 -21.87
CA ILE C 123 -7.48 -27.58 -20.51
C ILE C 123 -6.18 -26.82 -20.18
N THR C 124 -5.21 -26.70 -21.14
CA THR C 124 -3.94 -25.95 -20.93
C THR C 124 -4.23 -24.47 -20.62
N PRO C 125 -4.93 -23.67 -21.48
CA PRO C 125 -5.19 -22.27 -21.12
C PRO C 125 -6.04 -22.07 -19.86
N MET C 126 -6.89 -23.06 -19.54
CA MET C 126 -7.73 -23.04 -18.34
C MET C 126 -6.86 -23.08 -17.09
N PHE C 127 -5.91 -24.02 -17.00
CA PHE C 127 -4.99 -24.13 -15.87
C PHE C 127 -3.96 -23.02 -15.87
N SER C 128 -3.69 -22.43 -17.05
CA SER C 128 -2.80 -21.28 -17.21
C SER C 128 -3.48 -20.10 -16.50
N PHE C 129 -4.80 -19.91 -16.76
CA PHE C 129 -5.60 -18.88 -16.12
C PHE C 129 -5.75 -19.15 -14.62
N TYR C 130 -6.06 -20.41 -14.20
CA TYR C 130 -6.19 -20.75 -12.78
C TYR C 130 -4.91 -20.48 -11.99
N LYS C 131 -3.73 -20.86 -12.53
CA LYS C 131 -2.47 -20.65 -11.83
C LYS C 131 -2.05 -19.17 -11.77
N SER C 132 -2.47 -18.36 -12.77
CA SER C 132 -2.21 -16.92 -12.84
C SER C 132 -3.08 -16.17 -11.83
N ILE C 133 -4.34 -16.63 -11.64
CA ILE C 133 -5.28 -16.12 -10.65
C ILE C 133 -4.67 -16.36 -9.26
N GLY C 134 -4.11 -17.55 -9.06
CA GLY C 134 -3.48 -17.97 -7.80
C GLY C 134 -2.28 -17.16 -7.36
N GLU C 135 -1.48 -16.68 -8.33
CA GLU C 135 -0.30 -15.84 -8.03
C GLU C 135 -0.70 -14.47 -7.46
N LEU C 136 -1.92 -13.99 -7.77
CA LEU C 136 -2.46 -12.74 -7.26
C LEU C 136 -2.85 -12.84 -5.77
N LYS C 137 -2.97 -14.07 -5.22
CA LYS C 137 -3.29 -14.38 -3.81
C LYS C 137 -4.51 -13.59 -3.35
N MET C 138 -5.58 -13.65 -4.16
CA MET C 138 -6.83 -12.95 -3.95
C MET C 138 -7.53 -13.42 -2.69
N THR C 139 -8.13 -12.47 -1.96
CA THR C 139 -8.91 -12.73 -0.75
C THR C 139 -10.31 -13.09 -1.25
N GLN C 140 -11.17 -13.65 -0.39
CA GLN C 140 -12.53 -13.99 -0.79
C GLN C 140 -13.34 -12.74 -1.16
N GLU C 141 -13.04 -11.61 -0.51
CA GLU C 141 -13.68 -10.32 -0.78
C GLU C 141 -13.35 -9.85 -2.21
N GLU C 142 -12.10 -10.08 -2.67
CA GLU C 142 -11.64 -9.72 -4.01
C GLU C 142 -12.34 -10.55 -5.08
N TYR C 143 -12.58 -11.84 -4.82
CA TYR C 143 -13.31 -12.70 -5.76
C TYR C 143 -14.77 -12.25 -5.86
N ALA C 144 -15.37 -11.90 -4.71
CA ALA C 144 -16.77 -11.47 -4.63
C ALA C 144 -16.97 -10.19 -5.39
N LEU C 145 -16.11 -9.19 -5.17
CA LEU C 145 -16.18 -7.93 -5.90
C LEU C 145 -15.87 -8.07 -7.37
N LEU C 146 -14.86 -8.88 -7.71
CA LEU C 146 -14.52 -9.10 -9.11
C LEU C 146 -15.66 -9.81 -9.88
N THR C 147 -16.38 -10.73 -9.22
CA THR C 147 -17.55 -11.39 -9.81
C THR C 147 -18.63 -10.31 -10.04
N ALA C 148 -18.88 -9.47 -9.04
CA ALA C 148 -19.84 -8.37 -9.18
C ALA C 148 -19.48 -7.41 -10.31
N ILE C 149 -18.17 -7.15 -10.48
CA ILE C 149 -17.66 -6.26 -11.54
C ILE C 149 -17.83 -6.91 -12.94
N VAL C 150 -17.64 -8.24 -13.01
CA VAL C 150 -17.82 -9.00 -14.23
C VAL C 150 -19.30 -8.91 -14.67
N ILE C 151 -20.25 -9.08 -13.74
CA ILE C 151 -21.69 -9.05 -14.02
C ILE C 151 -22.13 -7.67 -14.49
N LEU C 152 -21.64 -6.62 -13.83
CA LEU C 152 -22.02 -5.25 -14.16
C LEU C 152 -21.07 -4.61 -15.19
N SER C 153 -20.78 -5.33 -16.29
CA SER C 153 -19.91 -4.84 -17.35
C SER C 153 -20.75 -4.08 -18.34
N PRO C 154 -20.49 -2.77 -18.50
CA PRO C 154 -21.30 -1.96 -19.43
C PRO C 154 -21.05 -2.27 -20.90
N ASP C 155 -19.90 -2.89 -21.21
CA ASP C 155 -19.46 -3.23 -22.54
C ASP C 155 -19.91 -4.63 -23.02
N ARG C 156 -21.06 -5.12 -22.54
CA ARG C 156 -21.63 -6.38 -23.00
C ARG C 156 -22.44 -6.12 -24.25
N GLN C 157 -22.52 -7.12 -25.13
CA GLN C 157 -23.28 -7.08 -26.37
C GLN C 157 -24.79 -6.98 -26.05
N TYR C 158 -25.51 -6.12 -26.80
CA TYR C 158 -26.96 -5.86 -26.74
C TYR C 158 -27.41 -4.96 -25.57
N ILE C 159 -26.47 -4.28 -24.87
CA ILE C 159 -26.87 -3.36 -23.79
C ILE C 159 -27.36 -2.05 -24.40
N LYS C 160 -28.60 -1.67 -24.07
CA LYS C 160 -29.21 -0.44 -24.57
C LYS C 160 -28.73 0.79 -23.82
N ASP C 161 -28.71 0.72 -22.47
CA ASP C 161 -28.30 1.84 -21.62
C ASP C 161 -26.99 1.51 -20.87
N ARG C 162 -25.86 1.68 -21.57
CA ARG C 162 -24.50 1.45 -21.10
C ARG C 162 -24.16 2.30 -19.86
N GLU C 163 -24.56 3.57 -19.86
CA GLU C 163 -24.28 4.51 -18.77
C GLU C 163 -24.95 4.10 -17.46
N ALA C 164 -26.15 3.50 -17.52
CA ALA C 164 -26.85 3.02 -16.32
C ALA C 164 -26.03 1.88 -15.68
N VAL C 165 -25.44 1.02 -16.52
CA VAL C 165 -24.62 -0.10 -16.03
C VAL C 165 -23.31 0.42 -15.42
N GLU C 166 -22.63 1.34 -16.12
CA GLU C 166 -21.39 1.98 -15.69
C GLU C 166 -21.51 2.57 -14.28
N LYS C 167 -22.65 3.23 -13.96
CA LYS C 167 -22.95 3.88 -12.68
C LYS C 167 -23.04 2.88 -11.52
N LEU C 168 -23.47 1.65 -11.81
CA LEU C 168 -23.58 0.60 -10.79
C LEU C 168 -22.25 -0.11 -10.57
N GLN C 169 -21.43 -0.20 -11.61
CA GLN C 169 -20.11 -0.82 -11.56
C GLN C 169 -19.10 0.05 -10.82
N GLU C 170 -19.12 1.40 -11.05
CA GLU C 170 -18.17 2.36 -10.45
C GLU C 170 -17.99 2.21 -8.93
N PRO C 171 -19.05 2.20 -8.07
CA PRO C 171 -18.79 2.01 -6.63
C PRO C 171 -18.13 0.69 -6.25
N LEU C 172 -18.36 -0.38 -7.04
CA LEU C 172 -17.74 -1.68 -6.78
C LEU C 172 -16.25 -1.67 -7.16
N LEU C 173 -15.90 -0.96 -8.25
CA LEU C 173 -14.51 -0.81 -8.68
C LEU C 173 -13.75 0.01 -7.64
N ASP C 174 -14.41 1.03 -7.05
CA ASP C 174 -13.83 1.85 -5.99
C ASP C 174 -13.50 1.05 -4.73
N VAL C 175 -14.41 0.14 -4.31
CA VAL C 175 -14.18 -0.73 -3.15
C VAL C 175 -13.04 -1.72 -3.47
N LEU C 176 -13.04 -2.30 -4.68
CA LEU C 176 -12.00 -3.24 -5.04
C LEU C 176 -10.63 -2.59 -5.09
N GLN C 177 -10.54 -1.36 -5.64
CA GLN C 177 -9.30 -0.59 -5.70
C GLN C 177 -8.74 -0.34 -4.29
N LYS C 178 -9.61 0.07 -3.34
CA LYS C 178 -9.20 0.30 -1.94
C LYS C 178 -8.71 -1.01 -1.29
N LEU C 179 -9.39 -2.14 -1.56
CA LEU C 179 -9.01 -3.45 -1.03
C LEU C 179 -7.66 -3.92 -1.54
N CYS C 180 -7.36 -3.65 -2.83
CA CYS C 180 -6.06 -3.99 -3.45
C CYS C 180 -4.91 -3.25 -2.79
N LYS C 181 -5.13 -1.97 -2.46
CA LYS C 181 -4.15 -1.08 -1.79
C LYS C 181 -3.91 -1.44 -0.32
N ILE C 182 -4.89 -2.13 0.32
CA ILE C 182 -4.86 -2.58 1.71
C ILE C 182 -4.23 -3.98 1.84
N HIS C 183 -4.68 -4.95 1.01
CA HIS C 183 -4.20 -6.34 1.05
C HIS C 183 -2.87 -6.57 0.30
N GLN C 184 -2.39 -5.58 -0.49
CA GLN C 184 -1.10 -5.58 -1.19
C GLN C 184 -0.59 -4.13 -1.36
N PRO C 185 -0.10 -3.47 -0.27
CA PRO C 185 0.37 -2.08 -0.41
C PRO C 185 1.71 -1.92 -1.12
N GLU C 186 2.52 -3.00 -1.16
CA GLU C 186 3.83 -3.03 -1.82
C GLU C 186 3.69 -3.13 -3.35
N ASN C 187 2.59 -3.75 -3.83
CA ASN C 187 2.29 -3.95 -5.26
C ASN C 187 1.18 -2.98 -5.71
N PRO C 188 1.54 -1.81 -6.29
CA PRO C 188 0.49 -0.87 -6.73
C PRO C 188 -0.17 -1.28 -8.04
N GLN C 189 0.40 -2.30 -8.72
CA GLN C 189 -0.10 -2.83 -9.98
C GLN C 189 -1.20 -3.86 -9.79
N HIS C 190 -1.40 -4.34 -8.55
CA HIS C 190 -2.38 -5.37 -8.19
C HIS C 190 -3.78 -5.12 -8.72
N PHE C 191 -4.32 -3.90 -8.55
CA PHE C 191 -5.66 -3.58 -9.04
C PHE C 191 -5.73 -3.74 -10.56
N ALA C 192 -4.74 -3.18 -11.29
CA ALA C 192 -4.66 -3.30 -12.74
C ALA C 192 -4.52 -4.75 -13.19
N CYS C 193 -3.74 -5.57 -12.46
CA CYS C 193 -3.57 -7.01 -12.72
C CYS C 193 -4.92 -7.70 -12.68
N LEU C 194 -5.75 -7.39 -11.63
CA LEU C 194 -7.09 -7.94 -11.48
C LEU C 194 -7.99 -7.55 -12.65
N LEU C 195 -7.97 -6.28 -13.06
CA LEU C 195 -8.76 -5.81 -14.21
C LEU C 195 -8.32 -6.49 -15.50
N GLY C 196 -7.02 -6.79 -15.61
CA GLY C 196 -6.44 -7.52 -16.74
C GLY C 196 -7.01 -8.93 -16.83
N ARG C 197 -7.40 -9.52 -15.67
CA ARG C 197 -8.03 -10.87 -15.65
C ARG C 197 -9.38 -10.89 -16.34
N LEU C 198 -10.11 -9.76 -16.36
CA LEU C 198 -11.44 -9.67 -17.02
C LEU C 198 -11.36 -9.92 -18.52
N THR C 199 -10.25 -9.49 -19.16
CA THR C 199 -9.99 -9.68 -20.59
C THR C 199 -9.68 -11.15 -20.84
N GLU C 200 -8.85 -11.75 -19.97
CA GLU C 200 -8.54 -13.18 -20.03
C GLU C 200 -9.82 -13.99 -19.94
N LEU C 201 -10.73 -13.64 -18.98
CA LEU C 201 -12.00 -14.32 -18.82
C LEU C 201 -12.88 -14.29 -20.05
N ARG C 202 -12.86 -13.19 -20.83
CA ARG C 202 -13.67 -13.08 -22.03
C ARG C 202 -13.24 -14.10 -23.10
N THR C 203 -11.96 -14.54 -23.09
CA THR C 203 -11.47 -15.53 -24.07
C THR C 203 -12.15 -16.89 -23.88
N PHE C 204 -12.44 -17.27 -22.63
CA PHE C 204 -13.14 -18.53 -22.32
C PHE C 204 -14.55 -18.49 -22.81
N ASN C 205 -15.22 -17.33 -22.66
CA ASN C 205 -16.58 -17.10 -23.09
C ASN C 205 -16.73 -17.29 -24.61
N HIS C 206 -15.69 -16.92 -25.39
CA HIS C 206 -15.69 -17.04 -26.85
C HIS C 206 -15.74 -18.49 -27.32
N HIS C 207 -14.96 -19.37 -26.66
CA HIS C 207 -14.83 -20.77 -27.05
C HIS C 207 -15.55 -21.78 -26.14
N HIS C 208 -16.51 -21.30 -25.31
CA HIS C 208 -17.23 -22.16 -24.37
CA HIS C 208 -17.25 -22.16 -24.38
C HIS C 208 -18.08 -23.24 -25.07
N ALA C 209 -18.81 -22.88 -26.15
CA ALA C 209 -19.64 -23.84 -26.90
C ALA C 209 -18.83 -24.97 -27.53
N GLU C 210 -17.66 -24.63 -28.11
CA GLU C 210 -16.74 -25.58 -28.74
C GLU C 210 -16.14 -26.50 -27.68
N MET C 211 -15.83 -25.94 -26.49
CA MET C 211 -15.28 -26.60 -25.30
C MET C 211 -16.24 -27.70 -24.82
N LEU C 212 -17.54 -27.38 -24.72
CA LEU C 212 -18.58 -28.31 -24.25
C LEU C 212 -18.91 -29.39 -25.27
N MET C 213 -19.03 -29.00 -26.55
CA MET C 213 -19.38 -29.93 -27.63
C MET C 213 -18.25 -30.86 -28.01
N SER C 214 -16.99 -30.50 -27.66
CA SER C 214 -15.83 -31.35 -27.95
C SER C 214 -15.50 -32.32 -26.79
N TRP C 215 -16.29 -32.26 -25.68
CA TRP C 215 -16.19 -33.16 -24.53
C TRP C 215 -16.36 -34.58 -25.05
N ARG C 216 -15.46 -35.51 -24.67
CA ARG C 216 -15.45 -36.90 -25.15
C ARG C 216 -16.60 -37.74 -24.60
N VAL C 217 -17.83 -37.43 -25.05
CA VAL C 217 -19.07 -38.14 -24.72
C VAL C 217 -19.85 -38.35 -26.02
N ASN C 218 -20.74 -39.34 -26.05
CA ASN C 218 -21.55 -39.66 -27.22
C ASN C 218 -22.63 -38.61 -27.48
N ASP C 219 -23.34 -38.22 -26.41
CA ASP C 219 -24.40 -37.23 -26.48
C ASP C 219 -24.19 -36.12 -25.45
N HIS C 220 -24.43 -34.88 -25.87
CA HIS C 220 -24.25 -33.70 -25.04
C HIS C 220 -25.60 -33.14 -24.60
N LYS C 221 -26.11 -33.66 -23.48
CA LYS C 221 -27.40 -33.25 -22.93
C LYS C 221 -27.21 -32.13 -21.91
N PHE C 222 -27.97 -31.05 -22.09
CA PHE C 222 -27.96 -29.86 -21.23
C PHE C 222 -29.37 -29.60 -20.68
N THR C 223 -29.47 -28.91 -19.53
CA THR C 223 -30.74 -28.58 -18.89
C THR C 223 -31.38 -27.39 -19.62
N PRO C 224 -32.72 -27.23 -19.65
CA PRO C 224 -33.30 -26.03 -20.32
C PRO C 224 -32.73 -24.68 -19.86
N LEU C 225 -32.30 -24.56 -18.58
CA LEU C 225 -31.71 -23.33 -18.07
C LEU C 225 -30.31 -23.11 -18.65
N LEU C 226 -29.49 -24.19 -18.78
CA LEU C 226 -28.15 -24.11 -19.39
C LEU C 226 -28.25 -23.74 -20.87
N CYS C 227 -29.29 -24.23 -21.57
CA CYS C 227 -29.49 -23.89 -22.98
C CYS C 227 -29.79 -22.41 -23.15
N GLU C 228 -30.38 -21.77 -22.12
CA GLU C 228 -30.68 -20.34 -22.13
C GLU C 228 -29.42 -19.49 -21.93
N ILE C 229 -28.51 -19.92 -21.04
CA ILE C 229 -27.28 -19.19 -20.70
C ILE C 229 -26.11 -19.51 -21.64
N TRP C 230 -26.03 -20.75 -22.13
CA TRP C 230 -24.96 -21.18 -23.02
C TRP C 230 -25.42 -21.23 -24.47
N ASP C 231 -24.49 -21.18 -25.43
CA ASP C 231 -24.86 -21.24 -26.85
C ASP C 231 -24.91 -22.73 -27.27
N VAL C 232 -25.81 -23.51 -26.63
CA VAL C 232 -25.95 -24.94 -26.86
C VAL C 232 -27.41 -25.36 -27.17
N GLN C 233 -27.56 -26.48 -27.93
CA GLN C 233 -28.80 -27.10 -28.38
C GLN C 233 -29.75 -26.13 -29.08
N HIS D 3 -35.73 -16.52 -23.12
CA HIS D 3 -35.10 -16.52 -21.79
C HIS D 3 -36.17 -16.42 -20.70
N GLN D 4 -37.24 -17.23 -20.86
CA GLN D 4 -38.37 -17.22 -19.92
C GLN D 4 -38.01 -17.79 -18.55
N LEU D 5 -37.03 -18.70 -18.43
CA LEU D 5 -36.57 -19.22 -17.14
C LEU D 5 -35.72 -18.18 -16.39
N LEU D 6 -34.88 -17.44 -17.14
CA LEU D 6 -34.05 -16.36 -16.57
C LEU D 6 -34.94 -15.26 -16.09
N ARG D 7 -35.94 -14.85 -16.92
CA ARG D 7 -36.92 -13.84 -16.56
C ARG D 7 -37.67 -14.25 -15.32
N TYR D 8 -37.99 -15.57 -15.20
CA TYR D 8 -38.67 -16.09 -14.02
C TYR D 8 -37.80 -15.94 -12.77
N LEU D 9 -36.52 -16.42 -12.85
CA LEU D 9 -35.58 -16.31 -11.72
C LEU D 9 -35.34 -14.85 -11.32
N LEU D 10 -35.31 -13.93 -12.31
CA LEU D 10 -35.12 -12.50 -12.06
C LEU D 10 -36.30 -11.82 -11.42
N ASP D 11 -37.53 -12.18 -11.84
CA ASP D 11 -38.76 -11.52 -11.38
C ASP D 11 -39.41 -12.15 -10.14
N LYS D 12 -38.82 -13.24 -9.59
CA LYS D 12 -39.38 -13.87 -8.38
C LYS D 12 -38.83 -13.16 -7.12
N ASP D 13 -39.32 -13.55 -5.92
CA ASP D 13 -38.88 -13.01 -4.62
C ASP D 13 -39.07 -14.01 -3.49
#